data_5CKU
#
_entry.id   5CKU
#
_cell.length_a   77.081
_cell.length_b   84.002
_cell.length_c   145.057
_cell.angle_alpha   90.000
_cell.angle_beta   90.000
_cell.angle_gamma   90.000
#
_symmetry.space_group_name_H-M   'I 2 2 2'
#
loop_
_entity.id
_entity.type
_entity.pdbx_description
1 polymer 'L-ornithine N(5)-monooxygenase'
2 non-polymer 'FLAVIN-ADENINE DINUCLEOTIDE'
3 non-polymer 'NADP NICOTINAMIDE-ADENINE-DINUCLEOTIDE PHOSPHATE'
4 non-polymer L-ornithine
5 non-polymer 'SULFATE ION'
6 non-polymer GLYCEROL
7 water water
#
_entity_poly.entity_id   1
_entity_poly.type   'polypeptide(L)'
_entity_poly.pdbx_seq_one_letter_code
;MESVERKSESSYLGMRNMQPEQRLSLDPPRLRSTPQDELHDLLCVGFGPASLAIAIALHDALDPRLNKSASNIHAQPKIC
FLERQKQFAWHSGMLVPGSKMQISFIKDLATLRDPRSSFTFLNYLHQKGRLIHFTNLSTFLPARLEFEDYMRWCAQQFSD
VVAYGEEVVEVIPGKSDPSSSVVDFFTVRSRNVETGEISARRTRKVVIAIGGTAKMPSGLPQDPRIIHSSKYCTTLPALL
KDKSKPYNIAVLGSGQSAAEIFHDLQKRYPNSRTTLIMRDSAMRPSDDSPFVNEIFNPERVDKFYSQSAAERQRSLLADK
ATAYSVVRLELIEEIYNDMYLQRVKNPDETQWQHRILPERKITRVEHHGPQSRMRIHLKSSKPESEGAANDVKETLEVDA
LMVATGYNRNAHERLLSKVQHLRPTGQDQWKPHRDYRVEMDPSKVSSEAGIWLQGCNERTHGLSDSLLSVLAVRGGEMVQ
SIFGEQLERAAVQGHQLRAML
;
_entity_poly.pdbx_strand_id   A
#
loop_
_chem_comp.id
_chem_comp.type
_chem_comp.name
_chem_comp.formula
FAD non-polymer 'FLAVIN-ADENINE DINUCLEOTIDE' 'C27 H33 N9 O15 P2'
GOL non-polymer GLYCEROL 'C3 H8 O3'
NAP non-polymer 'NADP NICOTINAMIDE-ADENINE-DINUCLEOTIDE PHOSPHATE' 'C21 H28 N7 O17 P3'
SO4 non-polymer 'SULFATE ION' 'O4 S -2'
#
# COMPACT_ATOMS: atom_id res chain seq x y z
N LEU A 24 7.02 16.94 25.02
CA LEU A 24 5.83 17.55 25.59
C LEU A 24 5.13 16.64 26.62
N SER A 25 4.64 15.49 26.18
CA SER A 25 4.19 14.45 27.11
C SER A 25 5.07 13.22 26.97
N LEU A 26 4.92 12.26 27.86
CA LEU A 26 5.65 11.01 27.72
C LEU A 26 4.87 10.09 26.79
N ASP A 27 5.60 9.24 26.09
CA ASP A 27 4.97 8.21 25.26
C ASP A 27 4.21 7.24 26.17
N PRO A 28 3.11 6.67 25.67
CA PRO A 28 2.36 5.68 26.45
C PRO A 28 3.17 4.39 26.66
N PRO A 29 2.77 3.53 27.63
CA PRO A 29 3.50 2.28 27.91
C PRO A 29 3.67 1.37 26.69
N ARG A 30 4.86 0.78 26.54
CA ARG A 30 5.12 -0.15 25.45
C ARG A 30 4.33 -1.44 25.64
N LEU A 31 4.01 -2.11 24.52
CA LEU A 31 3.44 -3.46 24.56
C LEU A 31 4.54 -4.47 24.83
N ARG A 32 4.22 -5.53 25.58
CA ARG A 32 5.21 -6.54 25.93
C ARG A 32 5.38 -7.57 24.82
N SER A 33 6.63 -7.94 24.56
CA SER A 33 6.95 -8.96 23.55
C SER A 33 6.46 -10.32 24.00
N THR A 34 6.37 -11.26 23.07
CA THR A 34 6.04 -12.64 23.40
C THR A 34 7.14 -13.55 22.89
N PRO A 35 7.60 -14.48 23.74
CA PRO A 35 8.53 -15.53 23.31
C PRO A 35 7.95 -16.27 22.14
N GLN A 36 8.76 -16.56 21.12
CA GLN A 36 8.22 -17.04 19.86
C GLN A 36 7.78 -18.50 19.90
N ASP A 37 8.13 -19.20 20.98
CA ASP A 37 7.71 -20.59 21.14
C ASP A 37 6.35 -20.69 21.82
N GLU A 38 5.81 -19.55 22.22
CA GLU A 38 4.48 -19.55 22.84
C GLU A 38 3.39 -19.41 21.79
N LEU A 39 2.23 -19.98 22.07
CA LEU A 39 1.07 -19.81 21.21
C LEU A 39 0.54 -18.37 21.29
N HIS A 40 0.56 -17.66 20.16
CA HIS A 40 0.14 -16.27 20.14
C HIS A 40 -1.38 -16.18 20.03
N ASP A 41 -1.94 -15.06 20.48
CA ASP A 41 -3.34 -14.75 20.21
C ASP A 41 -3.48 -14.25 18.78
N LEU A 42 -2.57 -13.38 18.37
CA LEU A 42 -2.60 -12.78 17.03
C LEU A 42 -1.20 -12.66 16.46
N LEU A 43 -1.08 -13.09 15.21
CA LEU A 43 0.12 -12.89 14.41
C LEU A 43 -0.26 -12.12 13.15
N CYS A 44 0.38 -10.98 12.95
CA CYS A 44 0.11 -10.15 11.80
CA CYS A 44 0.12 -10.14 11.79
C CYS A 44 1.25 -10.20 10.79
N VAL A 45 0.91 -10.48 9.54
CA VAL A 45 1.86 -10.53 8.45
C VAL A 45 1.90 -9.16 7.77
N GLY A 46 3.02 -8.48 7.93
CA GLY A 46 3.20 -7.15 7.41
C GLY A 46 3.10 -6.15 8.54
N PHE A 47 3.95 -5.13 8.50
CA PHE A 47 3.80 -3.99 9.40
C PHE A 47 3.87 -2.72 8.57
N GLY A 48 2.97 -2.62 7.59
CA GLY A 48 2.73 -1.36 6.92
C GLY A 48 1.62 -0.62 7.66
N PRO A 49 1.05 0.42 7.03
CA PRO A 49 -0.01 1.24 7.63
C PRO A 49 -1.19 0.42 8.18
N ALA A 50 -1.63 -0.61 7.47
CA ALA A 50 -2.83 -1.35 7.88
C ALA A 50 -2.56 -2.11 9.19
N SER A 51 -1.39 -2.75 9.27
CA SER A 51 -1.05 -3.48 10.49
C SER A 51 -0.76 -2.51 11.63
N LEU A 52 -0.12 -1.40 11.28
CA LEU A 52 0.22 -0.37 12.25
C LEU A 52 -1.04 0.20 12.90
N ALA A 53 -2.09 0.35 12.08
CA ALA A 53 -3.33 0.91 12.58
C ALA A 53 -3.96 -0.09 13.56
N ILE A 54 -3.74 -1.38 13.34
CA ILE A 54 -4.26 -2.39 14.26
C ILE A 54 -3.45 -2.37 15.57
N ALA A 55 -2.14 -2.19 15.49
CA ALA A 55 -1.33 -2.08 16.70
C ALA A 55 -1.78 -0.88 17.53
N ILE A 56 -1.97 0.24 16.87
CA ILE A 56 -2.38 1.48 17.50
C ILE A 56 -3.74 1.35 18.18
N ALA A 57 -4.70 0.77 17.48
CA ALA A 57 -6.06 0.58 18.04
C ALA A 57 -6.06 -0.35 19.24
N LEU A 58 -5.13 -1.31 19.23
CA LEU A 58 -5.01 -2.28 20.33
C LEU A 58 -4.43 -1.57 21.53
N HIS A 59 -3.41 -0.75 21.29
CA HIS A 59 -2.86 0.03 22.38
C HIS A 59 -3.92 0.91 23.03
N ASP A 60 -4.69 1.62 22.20
CA ASP A 60 -5.72 2.50 22.71
C ASP A 60 -6.82 1.71 23.44
N ALA A 61 -7.16 0.53 22.93
CA ALA A 61 -8.19 -0.29 23.57
C ALA A 61 -7.71 -0.77 24.95
N LEU A 62 -6.40 -0.95 25.11
CA LEU A 62 -5.86 -1.41 26.38
C LEU A 62 -5.51 -0.21 27.27
N ASP A 63 -5.92 0.98 26.86
CA ASP A 63 -5.59 2.19 27.60
C ASP A 63 -6.80 2.62 28.42
N PRO A 64 -6.70 2.50 29.76
CA PRO A 64 -7.81 2.84 30.67
C PRO A 64 -8.21 4.30 30.57
N ARG A 65 -7.28 5.15 30.17
CA ARG A 65 -7.58 6.55 29.88
C ARG A 65 -8.54 6.70 28.72
N LEU A 66 -8.38 5.86 27.71
CA LEU A 66 -9.20 5.96 26.50
C LEU A 66 -10.43 5.06 26.57
N ASN A 67 -10.27 3.88 27.17
CA ASN A 67 -11.37 2.95 27.34
C ASN A 67 -11.55 2.60 28.80
N LYS A 68 -12.64 3.06 29.40
CA LYS A 68 -12.95 2.82 30.82
C LYS A 68 -12.68 1.37 31.24
N SER A 69 -13.32 0.43 30.54
CA SER A 69 -13.19 -1.00 30.81
C SER A 69 -11.74 -1.49 30.87
N ALA A 70 -10.86 -0.86 30.09
CA ALA A 70 -9.44 -1.24 30.09
C ALA A 70 -8.81 -1.05 31.47
N ALA A 75 -4.50 -9.04 31.60
CA ALA A 75 -3.38 -9.59 30.82
C ALA A 75 -3.42 -9.14 29.35
N GLN A 76 -2.30 -8.60 28.88
CA GLN A 76 -2.19 -8.14 27.50
C GLN A 76 -2.12 -9.32 26.52
N PRO A 77 -2.89 -9.23 25.43
CA PRO A 77 -2.83 -10.25 24.38
C PRO A 77 -1.41 -10.54 23.88
N LYS A 78 -1.17 -11.78 23.46
CA LYS A 78 0.13 -12.18 22.95
C LYS A 78 0.15 -11.91 21.45
N ILE A 79 0.87 -10.87 21.04
CA ILE A 79 0.79 -10.44 19.64
C ILE A 79 2.20 -10.27 19.02
N CYS A 80 2.31 -10.53 17.72
CA CYS A 80 3.56 -10.33 16.99
C CYS A 80 3.29 -9.86 15.55
N PHE A 81 4.13 -8.97 15.05
CA PHE A 81 4.05 -8.51 13.65
C PHE A 81 5.31 -8.93 12.92
N LEU A 82 5.13 -9.51 11.74
CA LEU A 82 6.24 -9.92 10.88
C LEU A 82 6.32 -9.02 9.66
N GLU A 83 7.45 -8.33 9.50
CA GLU A 83 7.66 -7.40 8.39
C GLU A 83 8.94 -7.72 7.65
N ARG A 84 8.88 -7.80 6.31
CA ARG A 84 10.07 -8.22 5.56
C ARG A 84 11.12 -7.12 5.43
N GLN A 85 10.72 -5.86 5.44
CA GLN A 85 11.71 -4.77 5.43
C GLN A 85 12.51 -4.77 6.74
N LYS A 86 13.70 -4.20 6.72
CA LYS A 86 14.60 -4.24 7.88
C LYS A 86 14.15 -3.23 8.94
N GLN A 87 13.33 -2.27 8.53
CA GLN A 87 12.76 -1.31 9.48
C GLN A 87 11.50 -0.75 8.85
N PHE A 88 10.77 0.07 9.57
CA PHE A 88 9.53 0.59 9.02
C PHE A 88 9.83 1.54 7.85
N ALA A 89 9.17 1.30 6.72
CA ALA A 89 9.25 2.20 5.58
C ALA A 89 7.93 2.17 4.80
N TRP A 90 7.52 3.33 4.30
CA TRP A 90 6.28 3.46 3.56
C TRP A 90 6.50 3.85 2.11
N HIS A 91 6.42 2.87 1.20
CA HIS A 91 6.61 3.10 -0.25
C HIS A 91 7.85 3.95 -0.55
N SER A 92 8.98 3.55 0.02
CA SER A 92 10.20 4.37 -0.07
C SER A 92 10.74 4.49 -1.50
N GLY A 93 10.36 3.54 -2.35
CA GLY A 93 10.73 3.60 -3.75
C GLY A 93 10.03 4.70 -4.54
N MET A 94 8.99 5.28 -3.95
CA MET A 94 8.23 6.34 -4.62
C MET A 94 8.19 7.60 -3.80
N LEU A 95 9.14 7.73 -2.87
CA LEU A 95 9.22 8.94 -2.05
C LEU A 95 9.91 10.02 -2.86
N VAL A 96 9.25 10.40 -3.94
CA VAL A 96 9.72 11.45 -4.82
C VAL A 96 9.79 12.77 -4.06
N PRO A 97 10.86 13.55 -4.27
CA PRO A 97 10.94 14.90 -3.71
C PRO A 97 9.70 15.75 -4.05
N GLY A 98 9.13 16.37 -3.02
CA GLY A 98 7.94 17.19 -3.19
C GLY A 98 6.65 16.42 -3.10
N SER A 99 6.71 15.08 -3.15
CA SER A 99 5.49 14.30 -3.24
C SER A 99 4.61 14.57 -2.02
N LYS A 100 3.31 14.70 -2.26
CA LYS A 100 2.35 15.10 -1.25
C LYS A 100 1.37 13.97 -0.96
N MET A 101 0.88 13.91 0.26
CA MET A 101 -0.27 13.06 0.60
C MET A 101 -1.45 13.45 -0.28
N GLN A 102 -2.30 12.48 -0.63
CA GLN A 102 -3.50 12.76 -1.40
C GLN A 102 -4.70 12.63 -0.49
N ILE A 103 -4.47 12.74 0.80
CA ILE A 103 -5.53 12.56 1.78
C ILE A 103 -5.30 13.51 2.96
N SER A 104 -6.39 14.05 3.51
CA SER A 104 -6.34 14.94 4.65
C SER A 104 -5.62 14.26 5.80
N PHE A 105 -4.81 15.02 6.54
CA PHE A 105 -4.08 14.43 7.66
C PHE A 105 -5.06 13.97 8.75
N ILE A 106 -6.32 14.44 8.69
CA ILE A 106 -7.31 14.04 9.68
C ILE A 106 -7.59 12.53 9.53
N LYS A 107 -7.35 12.01 8.34
CA LYS A 107 -7.46 10.58 8.11
C LYS A 107 -6.14 9.86 8.39
N ASP A 108 -5.50 10.23 9.49
CA ASP A 108 -4.29 9.55 9.98
C ASP A 108 -4.68 8.20 10.57
N LEU A 109 -3.81 7.62 11.39
CA LEU A 109 -4.05 6.26 11.82
C LEU A 109 -4.89 6.15 13.10
N ALA A 110 -5.34 7.28 13.65
CA ALA A 110 -6.14 7.21 14.88
C ALA A 110 -7.31 8.20 14.97
N THR A 111 -7.17 9.36 14.35
CA THR A 111 -8.07 10.48 14.69
C THR A 111 -9.56 10.20 14.43
N LEU A 112 -9.89 9.56 13.32
CA LEU A 112 -11.29 9.31 13.00
C LEU A 112 -11.89 8.27 13.95
N ARG A 113 -11.03 7.50 14.62
CA ARG A 113 -11.49 6.58 15.64
C ARG A 113 -11.55 7.29 17.00
N ASP A 114 -10.49 8.01 17.35
CA ASP A 114 -10.43 8.70 18.62
C ASP A 114 -9.42 9.85 18.54
N PRO A 115 -9.91 11.09 18.41
CA PRO A 115 -9.00 12.24 18.27
C PRO A 115 -8.16 12.48 19.54
N ARG A 116 -8.53 11.84 20.67
CA ARG A 116 -7.76 11.93 21.91
C ARG A 116 -6.52 11.02 21.92
N SER A 117 -6.49 10.06 20.99
CA SER A 117 -5.34 9.14 20.88
C SER A 117 -3.98 9.82 20.88
N SER A 118 -3.00 9.20 21.53
CA SER A 118 -1.64 9.73 21.45
C SER A 118 -1.02 9.53 20.06
N PHE A 119 -1.68 8.74 19.22
CA PHE A 119 -1.11 8.40 17.92
C PHE A 119 -1.66 9.22 16.74
N THR A 120 -2.26 10.38 17.04
CA THR A 120 -2.72 11.27 15.98
C THR A 120 -1.55 12.04 15.34
N PHE A 121 -1.76 12.49 14.11
CA PHE A 121 -0.75 13.29 13.40
C PHE A 121 -0.47 14.56 14.17
N LEU A 122 -1.52 15.18 14.70
CA LEU A 122 -1.35 16.45 15.42
C LEU A 122 -0.54 16.22 16.69
N ASN A 123 -0.83 15.13 17.39
CA ASN A 123 -0.03 14.86 18.57
C ASN A 123 1.44 14.51 18.26
N TYR A 124 1.66 13.80 17.16
CA TYR A 124 3.03 13.59 16.66
C TYR A 124 3.75 14.92 16.43
N LEU A 125 3.07 15.86 15.79
CA LEU A 125 3.67 17.19 15.52
C LEU A 125 4.00 17.92 16.80
N HIS A 126 3.08 17.86 17.75
CA HIS A 126 3.30 18.46 19.07
C HIS A 126 4.54 17.82 19.73
N GLN A 127 4.62 16.49 19.73
CA GLN A 127 5.77 15.78 20.30
C GLN A 127 7.10 16.19 19.63
N LYS A 128 7.05 16.52 18.33
CA LYS A 128 8.28 16.94 17.64
C LYS A 128 8.54 18.45 17.78
N GLY A 129 7.61 19.18 18.40
CA GLY A 129 7.77 20.61 18.60
C GLY A 129 7.54 21.36 17.31
N ARG A 130 6.69 20.78 16.45
CA ARG A 130 6.48 21.33 15.13
C ARG A 130 5.02 21.74 14.84
N LEU A 131 4.13 21.53 15.80
CA LEU A 131 2.70 21.70 15.54
C LEU A 131 2.33 23.13 15.15
N ILE A 132 2.90 24.12 15.83
CA ILE A 132 2.62 25.50 15.48
C ILE A 132 3.14 25.83 14.07
N HIS A 133 4.28 25.26 13.68
CA HIS A 133 4.85 25.57 12.35
C HIS A 133 4.04 24.91 11.24
N PHE A 134 3.58 23.69 11.49
CA PHE A 134 2.71 23.01 10.54
C PHE A 134 1.40 23.78 10.35
N THR A 135 0.87 24.33 11.45
CA THR A 135 -0.36 25.13 11.38
C THR A 135 -0.22 26.27 10.40
N ASN A 136 0.93 26.95 10.42
CA ASN A 136 1.16 28.08 9.51
C ASN A 136 1.33 27.68 8.03
N LEU A 137 1.40 26.38 7.74
CA LEU A 137 1.38 25.92 6.36
C LEU A 137 0.01 26.04 5.72
N SER A 138 -1.03 25.96 6.56
CA SER A 138 -2.41 25.94 6.08
C SER A 138 -2.59 24.86 5.04
N THR A 139 -2.12 23.66 5.34
CA THR A 139 -2.35 22.58 4.41
C THR A 139 -2.90 21.37 5.14
N PHE A 140 -3.77 20.64 4.46
CA PHE A 140 -4.25 19.36 4.95
C PHE A 140 -3.38 18.23 4.41
N LEU A 141 -2.47 18.56 3.50
CA LEU A 141 -1.71 17.55 2.75
C LEU A 141 -0.22 17.63 3.02
N PRO A 142 0.29 16.87 4.00
CA PRO A 142 1.72 16.84 4.29
C PRO A 142 2.52 16.26 3.13
N ALA A 143 3.79 16.63 3.04
CA ALA A 143 4.74 15.87 2.24
C ALA A 143 4.64 14.39 2.60
N ARG A 144 4.73 13.52 1.60
CA ARG A 144 4.82 12.08 1.85
C ARG A 144 5.97 11.74 2.82
N LEU A 145 7.08 12.47 2.68
CA LEU A 145 8.20 12.36 3.60
C LEU A 145 7.81 12.59 5.08
N GLU A 146 7.04 13.63 5.34
CA GLU A 146 6.61 13.92 6.69
C GLU A 146 5.61 12.87 7.20
N PHE A 147 4.67 12.48 6.34
CA PHE A 147 3.68 11.50 6.76
C PHE A 147 4.32 10.14 7.01
N GLU A 148 5.35 9.80 6.24
CA GLU A 148 6.06 8.57 6.52
C GLU A 148 6.73 8.63 7.90
N ASP A 149 7.32 9.79 8.23
CA ASP A 149 8.00 9.91 9.51
C ASP A 149 7.01 9.87 10.67
N TYR A 150 5.80 10.39 10.43
CA TYR A 150 4.71 10.23 11.38
C TYR A 150 4.48 8.74 11.63
N MET A 151 4.38 7.98 10.56
CA MET A 151 4.02 6.58 10.71
C MET A 151 5.17 5.78 11.33
N ARG A 152 6.39 6.15 10.94
CA ARG A 152 7.62 5.64 11.54
C ARG A 152 7.66 5.90 13.04
N TRP A 153 7.29 7.12 13.42
CA TRP A 153 7.29 7.52 14.81
C TRP A 153 6.28 6.71 15.62
N CYS A 154 5.12 6.40 15.01
CA CYS A 154 4.14 5.50 15.60
C CYS A 154 4.74 4.10 15.73
N ALA A 155 5.29 3.63 14.60
CA ALA A 155 5.76 2.26 14.48
C ALA A 155 6.82 1.93 15.51
N GLN A 156 7.68 2.90 15.83
CA GLN A 156 8.82 2.62 16.72
C GLN A 156 8.33 2.31 18.12
N GLN A 157 7.11 2.73 18.43
CA GLN A 157 6.55 2.49 19.76
C GLN A 157 6.06 1.06 19.91
N PHE A 158 6.13 0.29 18.82
CA PHE A 158 5.76 -1.12 18.87
C PHE A 158 6.94 -2.06 18.57
N SER A 159 8.16 -1.55 18.69
CA SER A 159 9.36 -2.29 18.27
C SER A 159 9.49 -3.62 18.98
N ASP A 160 9.14 -3.67 20.26
CA ASP A 160 9.20 -4.92 21.05
C ASP A 160 8.32 -6.04 20.48
N VAL A 161 7.30 -5.70 19.69
CA VAL A 161 6.42 -6.77 19.18
C VAL A 161 6.45 -6.89 17.66
N VAL A 162 7.38 -6.21 17.02
CA VAL A 162 7.58 -6.37 15.58
C VAL A 162 8.91 -7.06 15.32
N ALA A 163 8.90 -8.12 14.51
CA ALA A 163 10.13 -8.74 14.04
C ALA A 163 10.39 -8.32 12.60
N TYR A 164 11.38 -7.45 12.40
CA TYR A 164 11.73 -6.96 11.07
C TYR A 164 12.63 -7.95 10.34
N GLY A 165 12.80 -7.76 9.03
CA GLY A 165 13.62 -8.66 8.23
C GLY A 165 13.09 -10.08 8.21
N GLU A 166 11.78 -10.22 8.43
CA GLU A 166 11.16 -11.54 8.40
C GLU A 166 10.14 -11.57 7.27
N GLU A 167 10.40 -12.37 6.25
CA GLU A 167 9.47 -12.50 5.14
C GLU A 167 8.64 -13.74 5.33
N VAL A 168 7.33 -13.56 5.51
CA VAL A 168 6.44 -14.69 5.70
C VAL A 168 6.30 -15.44 4.39
N VAL A 169 6.44 -16.77 4.45
CA VAL A 169 6.34 -17.56 3.23
C VAL A 169 5.16 -18.54 3.23
N GLU A 170 4.64 -18.91 4.39
CA GLU A 170 3.43 -19.73 4.42
C GLU A 170 2.72 -19.77 5.77
N VAL A 171 1.41 -20.05 5.69
CA VAL A 171 0.56 -20.21 6.84
C VAL A 171 0.04 -21.64 6.76
N ILE A 172 0.23 -22.39 7.85
CA ILE A 172 -0.07 -23.80 7.85
C ILE A 172 -1.07 -24.10 8.98
N PRO A 173 -2.14 -24.85 8.67
CA PRO A 173 -3.14 -25.19 9.70
C PRO A 173 -2.56 -26.10 10.77
N GLY A 174 -2.99 -25.93 12.02
CA GLY A 174 -2.55 -26.81 13.10
C GLY A 174 -3.72 -27.33 13.90
N LYS A 175 -3.55 -28.53 14.46
CA LYS A 175 -4.54 -29.11 15.37
C LYS A 175 -3.91 -29.45 16.73
N SER A 176 -4.35 -28.77 17.78
CA SER A 176 -3.90 -29.03 19.13
C SER A 176 -4.18 -30.48 19.49
N ASP A 177 -5.23 -31.03 18.88
CA ASP A 177 -5.49 -32.47 18.96
C ASP A 177 -5.32 -33.08 17.57
N PRO A 178 -4.10 -33.58 17.26
CA PRO A 178 -3.78 -34.07 15.92
C PRO A 178 -4.69 -35.20 15.45
N SER A 179 -5.27 -35.97 16.37
CA SER A 179 -6.17 -37.06 16.00
C SER A 179 -7.61 -36.57 15.77
N SER A 180 -7.87 -35.30 16.04
CA SER A 180 -9.18 -34.71 15.74
C SER A 180 -9.19 -34.19 14.31
N SER A 181 -10.33 -33.64 13.89
CA SER A 181 -10.45 -33.09 12.55
C SER A 181 -10.73 -31.59 12.63
N VAL A 182 -10.31 -31.00 13.75
CA VAL A 182 -10.52 -29.58 13.97
C VAL A 182 -9.20 -28.82 14.06
N VAL A 183 -9.05 -27.84 13.19
CA VAL A 183 -7.96 -26.91 13.25
C VAL A 183 -8.27 -25.83 14.28
N ASP A 184 -7.32 -25.55 15.17
CA ASP A 184 -7.51 -24.48 16.15
C ASP A 184 -6.27 -23.61 16.33
N PHE A 185 -5.30 -23.75 15.44
CA PHE A 185 -4.23 -22.76 15.39
C PHE A 185 -3.60 -22.80 14.01
N PHE A 186 -2.73 -21.84 13.75
CA PHE A 186 -1.96 -21.80 12.52
C PHE A 186 -0.50 -21.59 12.86
N THR A 187 0.36 -22.22 12.08
CA THR A 187 1.78 -21.96 12.15
C THR A 187 2.18 -21.00 11.03
N VAL A 188 2.85 -19.91 11.40
CA VAL A 188 3.33 -18.95 10.42
C VAL A 188 4.85 -19.06 10.28
N ARG A 189 5.31 -19.43 9.09
CA ARG A 189 6.74 -19.61 8.83
C ARG A 189 7.30 -18.43 8.02
N SER A 190 8.42 -17.88 8.47
CA SER A 190 9.04 -16.77 7.75
C SER A 190 10.53 -17.01 7.51
N ARG A 191 11.04 -16.41 6.45
CA ARG A 191 12.44 -16.52 6.07
C ARG A 191 13.13 -15.23 6.48
N ASN A 192 14.16 -15.34 7.32
CA ASN A 192 14.97 -14.19 7.70
C ASN A 192 15.70 -13.68 6.48
N VAL A 193 15.49 -12.42 6.13
CA VAL A 193 15.97 -11.91 4.85
C VAL A 193 17.48 -11.75 4.84
N GLU A 194 18.10 -11.69 6.01
CA GLU A 194 19.54 -11.57 6.06
C GLU A 194 20.21 -12.94 6.10
N THR A 195 19.74 -13.83 6.98
CA THR A 195 20.39 -15.12 7.16
C THR A 195 19.76 -16.24 6.34
N GLY A 196 18.56 -16.00 5.80
CA GLY A 196 17.87 -17.03 5.04
C GLY A 196 17.23 -18.11 5.90
N GLU A 197 17.43 -18.05 7.21
CA GLU A 197 16.91 -19.04 8.15
C GLU A 197 15.38 -18.99 8.26
N ILE A 198 14.77 -20.15 8.50
CA ILE A 198 13.33 -20.25 8.61
C ILE A 198 12.88 -20.34 10.06
N SER A 199 12.00 -19.42 10.47
CA SER A 199 11.39 -19.45 11.80
C SER A 199 9.93 -19.83 11.70
N ALA A 200 9.40 -20.42 12.77
CA ALA A 200 7.96 -20.67 12.86
C ALA A 200 7.37 -20.11 14.16
N ARG A 201 6.20 -19.48 14.03
CA ARG A 201 5.46 -19.01 15.18
C ARG A 201 4.03 -19.49 15.07
N ARG A 202 3.46 -19.93 16.18
CA ARG A 202 2.11 -20.47 16.21
C ARG A 202 1.15 -19.46 16.81
N THR A 203 -0.07 -19.43 16.29
CA THR A 203 -1.07 -18.43 16.68
C THR A 203 -2.48 -18.97 16.44
N ARG A 204 -3.45 -18.53 17.25
CA ARG A 204 -4.85 -18.85 17.00
C ARG A 204 -5.39 -18.08 15.81
N LYS A 205 -5.01 -16.80 15.71
CA LYS A 205 -5.53 -15.91 14.68
C LYS A 205 -4.40 -15.29 13.87
N VAL A 206 -4.63 -15.16 12.57
CA VAL A 206 -3.67 -14.55 11.66
C VAL A 206 -4.31 -13.38 10.94
N VAL A 207 -3.58 -12.26 10.82
CA VAL A 207 -3.96 -11.18 9.91
C VAL A 207 -2.93 -11.12 8.79
N ILE A 208 -3.40 -11.11 7.54
CA ILE A 208 -2.54 -10.86 6.38
C ILE A 208 -2.70 -9.41 5.88
N ALA A 209 -1.69 -8.57 6.08
CA ALA A 209 -1.81 -7.18 5.66
C ALA A 209 -0.57 -6.76 4.89
N ILE A 210 -0.43 -7.28 3.68
CA ILE A 210 0.82 -7.21 2.97
C ILE A 210 0.79 -6.31 1.73
N GLY A 211 -0.28 -5.54 1.55
CA GLY A 211 -0.34 -4.54 0.47
C GLY A 211 -0.36 -5.17 -0.92
N GLY A 212 0.27 -4.50 -1.88
CA GLY A 212 0.25 -5.00 -3.25
C GLY A 212 1.59 -5.41 -3.84
N THR A 213 1.53 -6.18 -4.92
CA THR A 213 2.71 -6.50 -5.73
C THR A 213 2.65 -5.76 -7.08
N ALA A 214 3.82 -5.39 -7.59
CA ALA A 214 3.96 -4.67 -8.86
C ALA A 214 3.19 -5.36 -9.97
N LYS A 215 2.33 -4.61 -10.64
CA LYS A 215 1.67 -5.11 -11.85
C LYS A 215 2.46 -4.68 -13.07
N MET A 216 2.93 -5.63 -13.84
CA MET A 216 3.61 -5.36 -15.11
C MET A 216 2.76 -5.82 -16.27
N PRO A 217 2.73 -5.04 -17.35
CA PRO A 217 2.10 -5.51 -18.58
C PRO A 217 2.78 -6.79 -19.05
N SER A 218 1.99 -7.81 -19.41
CA SER A 218 2.53 -9.12 -19.75
C SER A 218 3.30 -9.12 -21.07
N GLY A 219 3.18 -8.05 -21.83
CA GLY A 219 3.84 -7.95 -23.13
C GLY A 219 5.27 -7.45 -23.08
N LEU A 220 5.67 -6.92 -21.92
CA LEU A 220 7.03 -6.42 -21.74
C LEU A 220 7.97 -7.52 -21.28
N PRO A 221 9.16 -7.59 -21.91
CA PRO A 221 10.18 -8.56 -21.52
C PRO A 221 10.88 -8.15 -20.23
N GLN A 222 11.44 -9.13 -19.52
CA GLN A 222 12.27 -8.84 -18.36
C GLN A 222 13.60 -8.21 -18.82
N ASP A 223 13.92 -7.07 -18.24
CA ASP A 223 15.17 -6.39 -18.54
C ASP A 223 15.48 -5.48 -17.36
N PRO A 224 16.75 -5.36 -16.99
CA PRO A 224 17.08 -4.47 -15.87
C PRO A 224 16.81 -2.98 -16.18
N ARG A 225 16.66 -2.66 -17.46
CA ARG A 225 16.36 -1.28 -17.85
C ARG A 225 14.87 -1.00 -17.81
N ILE A 226 14.08 -2.04 -17.58
CA ILE A 226 12.62 -1.92 -17.47
C ILE A 226 12.23 -2.10 -16.01
N ILE A 227 11.82 -1.00 -15.37
CA ILE A 227 11.70 -0.93 -13.92
C ILE A 227 10.33 -0.41 -13.48
N HIS A 228 9.69 -1.15 -12.58
CA HIS A 228 8.38 -0.76 -12.08
C HIS A 228 8.51 0.50 -11.24
N SER A 229 7.46 1.32 -11.21
CA SER A 229 7.47 2.58 -10.47
C SER A 229 7.82 2.37 -9.00
N SER A 230 7.39 1.24 -8.44
CA SER A 230 7.61 0.96 -7.02
C SER A 230 9.11 0.92 -6.66
N LYS A 231 9.96 0.70 -7.66
CA LYS A 231 11.42 0.64 -7.43
C LYS A 231 12.16 1.84 -8.02
N TYR A 232 11.43 2.95 -8.19
CA TYR A 232 11.97 4.16 -8.80
C TYR A 232 13.13 4.76 -8.01
N CYS A 233 12.89 5.07 -6.73
CA CYS A 233 13.91 5.78 -5.96
C CYS A 233 15.07 4.87 -5.58
N THR A 234 14.83 3.57 -5.64
CA THR A 234 15.82 2.61 -5.18
C THR A 234 16.70 2.07 -6.32
N THR A 235 16.09 1.61 -7.41
CA THR A 235 16.85 0.92 -8.45
C THR A 235 17.12 1.70 -9.77
N LEU A 236 16.44 2.82 -10.02
CA LEU A 236 16.80 3.60 -11.21
C LEU A 236 18.16 4.33 -11.07
N PRO A 237 18.44 5.00 -9.93
CA PRO A 237 19.75 5.66 -9.81
C PRO A 237 20.93 4.69 -9.78
N ALA A 238 20.65 3.42 -9.52
CA ALA A 238 21.66 2.38 -9.57
C ALA A 238 21.99 2.10 -11.02
N LEU A 239 20.97 2.16 -11.87
CA LEU A 239 21.13 1.92 -13.31
C LEU A 239 21.71 3.13 -14.04
N LEU A 240 21.17 4.31 -13.74
CA LEU A 240 21.59 5.55 -14.39
C LEU A 240 22.37 6.38 -13.37
N LYS A 241 23.66 6.10 -13.25
CA LYS A 241 24.46 6.61 -12.13
C LYS A 241 24.81 8.10 -12.23
N ASP A 242 24.88 8.64 -13.44
CA ASP A 242 25.33 10.02 -13.66
C ASP A 242 24.16 10.97 -13.99
N LYS A 243 23.76 11.77 -13.00
CA LYS A 243 22.55 12.60 -13.11
C LYS A 243 22.67 13.71 -14.15
N SER A 244 23.87 13.93 -14.66
CA SER A 244 24.09 15.00 -15.63
C SER A 244 24.01 14.47 -17.07
N LYS A 245 24.03 13.16 -17.22
CA LYS A 245 24.12 12.54 -18.54
C LYS A 245 22.80 12.70 -19.31
N PRO A 246 22.89 12.97 -20.62
CA PRO A 246 21.70 13.09 -21.47
C PRO A 246 21.02 11.74 -21.72
N TYR A 247 20.36 11.18 -20.71
CA TYR A 247 19.64 9.92 -20.88
C TYR A 247 18.35 10.12 -21.68
N ASN A 248 17.87 9.06 -22.32
CA ASN A 248 16.48 9.02 -22.77
C ASN A 248 15.75 8.11 -21.81
N ILE A 249 14.72 8.63 -21.16
CA ILE A 249 13.98 7.85 -20.19
C ILE A 249 12.50 7.95 -20.50
N ALA A 250 11.85 6.80 -20.63
CA ALA A 250 10.39 6.76 -20.83
C ALA A 250 9.66 6.31 -19.56
N VAL A 251 8.41 6.75 -19.47
CA VAL A 251 7.47 6.38 -18.42
C VAL A 251 6.21 5.86 -19.10
N LEU A 252 5.82 4.62 -18.78
CA LEU A 252 4.57 4.06 -19.28
C LEU A 252 3.46 4.21 -18.24
N GLY A 253 2.35 4.82 -18.63
CA GLY A 253 1.21 4.97 -17.73
C GLY A 253 0.74 6.41 -17.61
N SER A 254 -0.43 6.61 -17.02
CA SER A 254 -0.96 7.96 -16.88
C SER A 254 -1.66 8.18 -15.55
N GLY A 255 -1.31 7.36 -14.56
CA GLY A 255 -1.81 7.57 -13.22
C GLY A 255 -0.87 8.46 -12.39
N GLN A 256 -1.16 8.55 -11.10
CA GLN A 256 -0.42 9.41 -10.19
C GLN A 256 1.07 9.08 -10.18
N SER A 257 1.40 7.79 -10.21
CA SER A 257 2.80 7.38 -10.20
C SER A 257 3.50 7.77 -11.48
N ALA A 258 2.85 7.55 -12.61
CA ALA A 258 3.44 7.94 -13.90
C ALA A 258 3.74 9.42 -13.90
N ALA A 259 2.79 10.21 -13.40
CA ALA A 259 2.93 11.67 -13.37
C ALA A 259 4.04 12.13 -12.45
N GLU A 260 4.03 11.64 -11.22
CA GLU A 260 5.10 12.00 -10.29
C GLU A 260 6.48 11.66 -10.84
N ILE A 261 6.61 10.49 -11.45
CA ILE A 261 7.92 10.06 -11.98
C ILE A 261 8.32 10.91 -13.19
N PHE A 262 7.36 11.13 -14.09
CA PHE A 262 7.61 11.95 -15.28
C PHE A 262 8.06 13.35 -14.86
N HIS A 263 7.30 13.98 -13.97
CA HIS A 263 7.67 15.28 -13.46
C HIS A 263 9.02 15.28 -12.74
N ASP A 264 9.27 14.26 -11.94
CA ASP A 264 10.50 14.23 -11.14
C ASP A 264 11.76 14.01 -11.97
N LEU A 265 11.70 13.13 -12.97
CA LEU A 265 12.85 12.86 -13.85
C LEU A 265 13.43 14.15 -14.42
N GLN A 266 12.55 15.11 -14.67
CA GLN A 266 12.93 16.38 -15.23
C GLN A 266 13.80 17.22 -14.29
N LYS A 267 13.64 17.02 -12.98
CA LYS A 267 14.51 17.69 -12.00
C LYS A 267 15.75 16.84 -11.77
N ARG A 268 15.51 15.54 -11.55
CA ARG A 268 16.51 14.56 -11.15
C ARG A 268 17.58 14.35 -12.20
N TYR A 269 17.16 14.21 -13.45
CA TYR A 269 18.08 14.13 -14.60
C TYR A 269 17.83 15.27 -15.57
N PRO A 270 18.35 16.47 -15.28
CA PRO A 270 17.99 17.72 -15.97
C PRO A 270 18.36 17.79 -17.46
N ASN A 271 19.27 16.94 -17.92
CA ASN A 271 19.67 16.96 -19.33
C ASN A 271 19.11 15.77 -20.08
N SER A 272 18.22 15.04 -19.44
CA SER A 272 17.62 13.86 -20.05
C SER A 272 16.45 14.23 -20.96
N ARG A 273 16.12 13.34 -21.90
CA ARG A 273 14.91 13.47 -22.70
C ARG A 273 13.88 12.46 -22.23
N THR A 274 12.77 12.96 -21.72
CA THR A 274 11.76 12.07 -21.15
C THR A 274 10.53 11.99 -22.01
N THR A 275 9.86 10.84 -21.94
CA THR A 275 8.70 10.57 -22.75
C THR A 275 7.66 9.87 -21.90
N LEU A 276 6.46 10.45 -21.83
CA LEU A 276 5.33 9.81 -21.13
C LEU A 276 4.51 9.06 -22.16
N ILE A 277 4.44 7.73 -22.03
CA ILE A 277 3.69 6.92 -22.97
C ILE A 277 2.38 6.48 -22.32
N MET A 278 1.24 6.81 -22.92
CA MET A 278 -0.04 6.43 -22.32
C MET A 278 -1.07 5.98 -23.34
N ARG A 279 -1.87 4.97 -22.98
CA ARG A 279 -2.87 4.50 -23.92
C ARG A 279 -4.09 5.44 -23.90
N ASP A 280 -4.32 6.11 -22.79
CA ASP A 280 -5.38 7.14 -22.75
C ASP A 280 -4.95 8.38 -23.54
N SER A 281 -5.88 9.32 -23.70
CA SER A 281 -5.60 10.49 -24.50
C SER A 281 -5.04 11.62 -23.65
N ALA A 282 -5.21 11.50 -22.33
CA ALA A 282 -4.83 12.57 -21.40
C ALA A 282 -4.70 12.06 -19.97
N MET A 283 -3.83 12.68 -19.19
CA MET A 283 -3.92 12.54 -17.73
C MET A 283 -5.23 13.15 -17.30
N ARG A 284 -5.94 12.44 -16.43
CA ARG A 284 -7.22 12.92 -15.93
C ARG A 284 -7.17 13.13 -14.41
N PRO A 285 -7.89 14.16 -13.90
CA PRO A 285 -7.75 14.54 -12.50
C PRO A 285 -8.48 13.57 -11.56
N SER A 286 -7.90 13.35 -10.40
CA SER A 286 -8.56 12.53 -9.38
C SER A 286 -9.76 13.27 -8.79
N ASP A 287 -10.83 12.54 -8.52
CA ASP A 287 -12.05 13.16 -7.99
C ASP A 287 -12.05 13.08 -6.46
N ASP A 288 -11.83 14.21 -5.79
CA ASP A 288 -12.01 14.25 -4.35
C ASP A 288 -13.11 15.28 -3.98
N SER A 289 -13.96 15.59 -4.95
CA SER A 289 -15.11 16.47 -4.71
C SER A 289 -15.94 15.90 -3.57
N PRO A 290 -16.53 16.79 -2.76
CA PRO A 290 -17.00 16.36 -1.44
C PRO A 290 -18.16 15.35 -1.41
N PHE A 291 -19.12 15.43 -2.32
CA PHE A 291 -20.19 14.43 -2.28
C PHE A 291 -19.66 13.05 -2.74
N VAL A 292 -18.91 13.03 -3.83
CA VAL A 292 -18.31 11.78 -4.30
C VAL A 292 -17.41 11.17 -3.23
N ASN A 293 -16.60 12.02 -2.60
CA ASN A 293 -15.59 11.56 -1.64
C ASN A 293 -16.15 10.88 -0.40
N GLU A 294 -17.47 10.97 -0.20
CA GLU A 294 -18.10 10.33 0.94
C GLU A 294 -18.10 8.80 0.84
N ILE A 295 -17.83 8.26 -0.35
CA ILE A 295 -17.67 6.80 -0.49
C ILE A 295 -16.51 6.28 0.36
N PHE A 296 -15.57 7.16 0.69
CA PHE A 296 -14.45 6.80 1.56
C PHE A 296 -14.73 6.98 3.06
N ASN A 297 -15.92 7.47 3.42
CA ASN A 297 -16.29 7.58 4.83
C ASN A 297 -16.27 6.20 5.51
N PRO A 298 -15.78 6.12 6.76
CA PRO A 298 -15.73 4.80 7.41
C PRO A 298 -17.11 4.14 7.49
N GLU A 299 -18.16 4.93 7.74
CA GLU A 299 -19.50 4.37 7.90
C GLU A 299 -20.06 3.79 6.60
N ARG A 300 -19.52 4.23 5.46
CA ARG A 300 -20.01 3.72 4.18
C ARG A 300 -19.56 2.30 3.84
N VAL A 301 -18.62 1.74 4.61
CA VAL A 301 -18.20 0.36 4.37
C VAL A 301 -19.34 -0.65 4.62
N ASP A 302 -20.08 -0.48 5.72
CA ASP A 302 -21.31 -1.24 5.93
C ASP A 302 -22.23 -1.21 4.70
N LYS A 303 -22.40 -0.01 4.14
CA LYS A 303 -23.31 0.19 3.02
C LYS A 303 -22.81 -0.54 1.78
N PHE A 304 -21.55 -0.32 1.43
CA PHE A 304 -20.93 -0.99 0.28
C PHE A 304 -20.95 -2.52 0.45
N TYR A 305 -20.44 -3.00 1.58
CA TYR A 305 -20.38 -4.44 1.86
C TYR A 305 -21.73 -5.14 1.66
N SER A 306 -22.81 -4.48 2.07
CA SER A 306 -24.12 -5.14 2.03
C SER A 306 -24.75 -5.19 0.64
N GLN A 307 -24.26 -4.37 -0.28
CA GLN A 307 -24.74 -4.43 -1.67
C GLN A 307 -24.41 -5.78 -2.33
N SER A 308 -25.17 -6.15 -3.35
CA SER A 308 -24.88 -7.36 -4.10
C SER A 308 -23.56 -7.25 -4.87
N ALA A 309 -23.02 -8.38 -5.29
CA ALA A 309 -21.81 -8.41 -6.13
C ALA A 309 -21.93 -7.54 -7.37
N ALA A 310 -23.08 -7.63 -8.04
CA ALA A 310 -23.34 -6.82 -9.23
C ALA A 310 -23.36 -5.32 -8.94
N GLU A 311 -24.05 -4.92 -7.87
CA GLU A 311 -24.12 -3.50 -7.52
C GLU A 311 -22.74 -2.98 -7.09
N ARG A 312 -21.99 -3.81 -6.36
CA ARG A 312 -20.64 -3.45 -5.94
C ARG A 312 -19.71 -3.22 -7.14
N GLN A 313 -19.77 -4.11 -8.12
CA GLN A 313 -19.02 -3.96 -9.35
C GLN A 313 -19.40 -2.64 -10.05
N ARG A 314 -20.70 -2.38 -10.20
CA ARG A 314 -21.12 -1.14 -10.86
C ARG A 314 -20.70 0.09 -10.05
N SER A 315 -20.75 -0.04 -8.73
CA SER A 315 -20.34 1.07 -7.87
C SER A 315 -18.85 1.38 -8.00
N LEU A 316 -18.01 0.35 -8.06
CA LEU A 316 -16.56 0.57 -8.19
C LEU A 316 -16.25 1.27 -9.50
N LEU A 317 -16.92 0.84 -10.56
CA LEU A 317 -16.79 1.46 -11.88
C LEU A 317 -17.21 2.93 -11.86
N ALA A 318 -18.40 3.21 -11.32
CA ALA A 318 -18.92 4.58 -11.26
C ALA A 318 -17.96 5.55 -10.57
N ASP A 319 -17.26 5.09 -9.53
CA ASP A 319 -16.39 5.98 -8.77
C ASP A 319 -14.91 5.81 -9.07
N LYS A 320 -14.59 5.19 -10.21
CA LYS A 320 -13.21 4.88 -10.59
C LYS A 320 -12.28 6.10 -10.60
N ALA A 321 -12.82 7.26 -10.97
CA ALA A 321 -12.00 8.48 -11.07
C ALA A 321 -11.57 9.03 -9.70
N THR A 322 -12.04 8.40 -8.63
CA THR A 322 -11.55 8.76 -7.30
C THR A 322 -10.26 8.07 -6.95
N ALA A 323 -9.90 7.02 -7.69
CA ALA A 323 -8.86 6.12 -7.19
C ALA A 323 -7.83 5.66 -8.21
N TYR A 324 -8.29 5.29 -9.41
CA TYR A 324 -7.38 4.66 -10.37
C TYR A 324 -7.25 5.44 -11.66
N SER A 325 -6.04 5.39 -12.21
CA SER A 325 -5.71 6.03 -13.47
C SER A 325 -6.00 7.52 -13.44
N VAL A 326 -5.71 8.16 -12.31
CA VAL A 326 -5.97 9.58 -12.15
C VAL A 326 -4.84 10.29 -11.42
N VAL A 327 -4.72 11.59 -11.66
CA VAL A 327 -3.63 12.40 -11.13
C VAL A 327 -4.18 13.59 -10.36
N ARG A 328 -3.48 14.02 -9.31
CA ARG A 328 -3.85 15.22 -8.57
C ARG A 328 -3.82 16.45 -9.47
N LEU A 329 -4.94 17.17 -9.55
CA LEU A 329 -5.11 18.33 -10.45
C LEU A 329 -3.90 19.26 -10.39
N GLU A 330 -3.46 19.60 -9.19
CA GLU A 330 -2.25 20.39 -8.99
C GLU A 330 -1.02 19.85 -9.75
N LEU A 331 -0.84 18.54 -9.77
CA LEU A 331 0.32 17.99 -10.47
C LEU A 331 0.08 18.03 -11.98
N ILE A 332 -1.16 17.76 -12.39
CA ILE A 332 -1.49 17.85 -13.81
C ILE A 332 -1.19 19.25 -14.31
N GLU A 333 -1.62 20.23 -13.54
CA GLU A 333 -1.46 21.62 -13.93
C GLU A 333 0.00 22.04 -13.99
N GLU A 334 0.81 21.54 -13.08
CA GLU A 334 2.23 21.86 -13.07
C GLU A 334 2.93 21.25 -14.29
N ILE A 335 2.59 20.01 -14.63
CA ILE A 335 3.17 19.37 -15.81
C ILE A 335 2.74 20.12 -17.08
N TYR A 336 1.48 20.51 -17.12
CA TYR A 336 0.96 21.28 -18.27
C TYR A 336 1.74 22.60 -18.46
N ASN A 337 2.02 23.29 -17.35
CA ASN A 337 2.76 24.53 -17.40
C ASN A 337 4.19 24.30 -17.91
N ASP A 338 4.82 23.22 -17.44
CA ASP A 338 6.14 22.87 -17.96
C ASP A 338 6.13 22.67 -19.48
N MET A 339 5.11 21.98 -19.99
CA MET A 339 4.99 21.73 -21.43
C MET A 339 4.74 23.04 -22.17
N TYR A 340 3.96 23.93 -21.55
CA TYR A 340 3.63 25.21 -22.18
C TYR A 340 4.91 26.05 -22.27
N LEU A 341 5.74 25.97 -21.23
CA LEU A 341 7.01 26.68 -21.24
C LEU A 341 7.93 26.15 -22.33
N GLN A 342 7.84 24.86 -22.63
CA GLN A 342 8.61 24.32 -23.76
C GLN A 342 8.09 24.89 -25.07
N ARG A 343 6.77 25.03 -25.15
CA ARG A 343 6.13 25.59 -26.32
C ARG A 343 6.53 27.04 -26.54
N VAL A 344 6.70 27.77 -25.46
CA VAL A 344 7.15 29.14 -25.55
C VAL A 344 8.52 29.18 -26.22
N LYS A 345 9.40 28.28 -25.81
CA LYS A 345 10.77 28.27 -26.34
C LYS A 345 10.86 27.68 -27.75
N ASN A 346 9.94 26.78 -28.08
CA ASN A 346 10.01 26.12 -29.38
C ASN A 346 8.63 25.59 -29.75
N PRO A 347 8.05 26.13 -30.83
CA PRO A 347 6.71 25.74 -31.32
C PRO A 347 6.69 24.33 -31.89
N ASP A 348 7.86 23.75 -32.06
CA ASP A 348 7.96 22.44 -32.68
C ASP A 348 8.05 21.35 -31.62
N GLU A 349 6.90 20.73 -31.32
CA GLU A 349 6.77 19.71 -30.28
C GLU A 349 7.70 18.52 -30.49
N THR A 350 8.04 18.21 -31.74
CA THR A 350 8.97 17.13 -32.00
C THR A 350 10.37 17.41 -31.42
N GLN A 351 10.68 18.67 -31.11
CA GLN A 351 12.00 18.99 -30.59
C GLN A 351 12.03 19.15 -29.07
N TRP A 352 10.90 18.99 -28.41
CA TRP A 352 10.86 19.24 -26.98
C TRP A 352 11.68 18.22 -26.20
N GLN A 353 12.35 18.69 -25.15
CA GLN A 353 13.12 17.82 -24.29
C GLN A 353 12.23 16.77 -23.63
N HIS A 354 11.07 17.21 -23.15
CA HIS A 354 10.13 16.35 -22.47
C HIS A 354 8.81 16.30 -23.23
N ARG A 355 8.38 15.10 -23.59
CA ARG A 355 7.22 14.93 -24.47
C ARG A 355 6.22 13.93 -23.90
N ILE A 356 4.95 14.14 -24.24
CA ILE A 356 3.90 13.21 -23.90
C ILE A 356 3.37 12.57 -25.17
N LEU A 357 3.22 11.25 -25.16
CA LEU A 357 2.70 10.56 -26.33
C LEU A 357 1.44 9.83 -25.93
N PRO A 358 0.26 10.45 -26.18
CA PRO A 358 -0.99 9.85 -25.76
C PRO A 358 -1.53 8.88 -26.78
N GLU A 359 -2.48 8.05 -26.37
CA GLU A 359 -3.09 7.05 -27.25
C GLU A 359 -2.06 6.19 -27.95
N ARG A 360 -1.10 5.67 -27.17
CA ARG A 360 -0.09 4.79 -27.70
C ARG A 360 -0.07 3.50 -26.89
N LYS A 361 0.35 2.41 -27.52
CA LYS A 361 0.69 1.20 -26.77
C LYS A 361 2.02 0.68 -27.28
N ILE A 362 2.76 0.00 -26.41
CA ILE A 362 4.03 -0.61 -26.79
C ILE A 362 3.79 -1.98 -27.39
N THR A 363 4.21 -2.15 -28.64
CA THR A 363 3.96 -3.38 -29.35
C THR A 363 5.18 -4.30 -29.35
N ARG A 364 6.35 -3.72 -29.10
CA ARG A 364 7.58 -4.51 -29.10
C ARG A 364 8.77 -3.74 -28.51
N VAL A 365 9.62 -4.45 -27.75
CA VAL A 365 10.81 -3.85 -27.16
C VAL A 365 12.08 -4.60 -27.54
N GLU A 366 12.79 -4.08 -28.54
CA GLU A 366 14.13 -4.57 -28.86
C GLU A 366 15.06 -4.24 -27.70
N HIS A 367 15.69 -5.28 -27.14
CA HIS A 367 16.52 -5.07 -25.97
C HIS A 367 17.70 -6.03 -25.89
N HIS A 368 18.17 -6.49 -27.06
CA HIS A 368 19.32 -7.41 -27.14
C HIS A 368 20.46 -6.81 -27.95
N GLY A 369 20.25 -5.59 -28.44
CA GLY A 369 21.23 -4.90 -29.24
C GLY A 369 22.44 -4.50 -28.40
N PRO A 370 23.53 -4.08 -29.07
CA PRO A 370 24.78 -3.71 -28.39
C PRO A 370 24.70 -2.37 -27.66
N GLN A 371 23.73 -1.55 -28.04
CA GLN A 371 23.62 -0.17 -27.54
C GLN A 371 23.25 -0.12 -26.06
N SER A 372 23.49 1.03 -25.42
CA SER A 372 23.00 1.26 -24.07
C SER A 372 21.49 1.19 -24.05
N ARG A 373 20.88 1.51 -25.20
CA ARG A 373 19.44 1.76 -25.25
C ARG A 373 18.58 0.65 -25.84
N MET A 374 17.37 0.56 -25.32
CA MET A 374 16.34 -0.31 -25.87
C MET A 374 15.60 0.43 -26.96
N ARG A 375 15.10 -0.29 -27.96
CA ARG A 375 14.24 0.34 -28.94
C ARG A 375 12.77 -0.02 -28.66
N ILE A 376 11.99 0.99 -28.33
CA ILE A 376 10.58 0.79 -28.00
C ILE A 376 9.73 1.10 -29.23
N HIS A 377 8.97 0.10 -29.69
CA HIS A 377 8.09 0.26 -30.84
C HIS A 377 6.68 0.59 -30.37
N LEU A 378 6.11 1.64 -30.94
CA LEU A 378 4.80 2.13 -30.50
C LEU A 378 3.78 2.08 -31.64
N LYS A 379 2.52 1.82 -31.28
CA LYS A 379 1.40 1.98 -32.19
C LYS A 379 0.27 2.70 -31.46
N SER A 380 -0.76 3.09 -32.20
CA SER A 380 -1.94 3.67 -31.57
C SER A 380 -2.63 2.65 -30.68
N SER A 381 -3.27 3.14 -29.62
CA SER A 381 -4.04 2.32 -28.72
C SER A 381 -5.49 2.18 -29.19
N LYS A 382 -5.85 2.88 -30.26
CA LYS A 382 -7.19 2.75 -30.84
C LYS A 382 -7.36 1.37 -31.46
N PRO A 383 -8.58 0.81 -31.40
CA PRO A 383 -8.83 -0.50 -32.03
C PRO A 383 -8.79 -0.41 -33.56
N GLU A 394 6.73 4.27 -35.59
CA GLU A 394 7.23 5.13 -34.52
C GLU A 394 8.06 4.34 -33.48
N THR A 395 9.28 4.81 -33.22
CA THR A 395 10.13 4.17 -32.22
C THR A 395 10.83 5.18 -31.33
N LEU A 396 11.04 4.79 -30.07
CA LEU A 396 11.84 5.54 -29.11
C LEU A 396 13.03 4.69 -28.73
N GLU A 397 14.20 5.31 -28.63
CA GLU A 397 15.35 4.64 -28.05
C GLU A 397 15.60 5.17 -26.65
N VAL A 398 15.52 4.31 -25.64
CA VAL A 398 15.63 4.78 -24.25
C VAL A 398 16.64 4.03 -23.42
N ASP A 399 17.23 4.72 -22.46
CA ASP A 399 18.16 4.10 -21.51
C ASP A 399 17.44 3.32 -20.41
N ALA A 400 16.20 3.73 -20.12
CA ALA A 400 15.39 3.05 -19.11
C ALA A 400 13.91 3.35 -19.36
N LEU A 401 13.08 2.36 -19.03
CA LEU A 401 11.64 2.51 -19.11
C LEU A 401 11.05 2.30 -17.72
N MET A 402 10.48 3.37 -17.15
CA MET A 402 9.76 3.27 -15.89
C MET A 402 8.35 2.84 -16.19
N VAL A 403 7.89 1.80 -15.51
CA VAL A 403 6.59 1.23 -15.80
C VAL A 403 5.64 1.50 -14.63
N ALA A 404 4.72 2.44 -14.84
CA ALA A 404 3.86 2.90 -13.75
C ALA A 404 2.43 2.39 -13.92
N THR A 405 2.31 1.07 -13.94
CA THR A 405 1.07 0.40 -14.32
C THR A 405 0.35 -0.25 -13.13
N GLY A 406 0.66 0.21 -11.92
CA GLY A 406 -0.10 -0.17 -10.74
C GLY A 406 0.29 -1.47 -10.03
N TYR A 407 -0.67 -2.00 -9.27
CA TYR A 407 -0.44 -3.12 -8.38
C TYR A 407 -1.52 -4.20 -8.47
N ASN A 408 -1.13 -5.43 -8.17
CA ASN A 408 -2.06 -6.51 -7.91
C ASN A 408 -2.14 -6.74 -6.40
N ARG A 409 -3.23 -7.33 -5.93
CA ARG A 409 -3.40 -7.60 -4.50
C ARG A 409 -3.86 -9.03 -4.30
N ASN A 410 -3.05 -9.94 -4.81
CA ASN A 410 -3.35 -11.36 -4.78
C ASN A 410 -2.30 -12.20 -4.07
N ALA A 411 -1.31 -11.56 -3.47
CA ALA A 411 -0.16 -12.28 -2.91
C ALA A 411 -0.52 -13.08 -1.67
N HIS A 412 -1.65 -12.76 -1.04
CA HIS A 412 -2.07 -13.52 0.12
C HIS A 412 -2.41 -14.95 -0.27
N GLU A 413 -2.92 -15.13 -1.50
CA GLU A 413 -3.27 -16.46 -2.02
C GLU A 413 -2.14 -17.46 -1.87
N ARG A 414 -0.92 -17.02 -2.17
CA ARG A 414 0.25 -17.89 -2.12
C ARG A 414 0.60 -18.24 -0.67
N LEU A 415 0.42 -17.29 0.24
CA LEU A 415 0.73 -17.54 1.65
C LEU A 415 -0.27 -18.52 2.24
N LEU A 416 -1.47 -18.57 1.67
CA LEU A 416 -2.56 -19.33 2.26
C LEU A 416 -2.87 -20.63 1.53
N SER A 417 -1.96 -21.05 0.67
CA SER A 417 -2.23 -22.19 -0.20
C SER A 417 -2.58 -23.46 0.59
N LYS A 418 -1.86 -23.71 1.68
CA LYS A 418 -2.06 -24.93 2.48
C LYS A 418 -3.24 -24.86 3.45
N VAL A 419 -3.97 -23.73 3.46
CA VAL A 419 -5.14 -23.61 4.30
C VAL A 419 -6.44 -23.54 3.46
N GLN A 420 -6.30 -23.56 2.13
CA GLN A 420 -7.45 -23.53 1.22
C GLN A 420 -8.51 -24.59 1.49
N HIS A 421 -8.05 -25.77 1.88
CA HIS A 421 -8.93 -26.91 2.05
C HIS A 421 -9.87 -26.73 3.24
N LEU A 422 -9.62 -25.72 4.06
CA LEU A 422 -10.47 -25.40 5.21
C LEU A 422 -11.67 -24.52 4.82
N ARG A 423 -11.66 -24.00 3.59
CA ARG A 423 -12.77 -23.20 3.10
C ARG A 423 -14.00 -24.07 2.95
N PRO A 424 -15.20 -23.46 2.87
CA PRO A 424 -16.36 -24.31 2.57
C PRO A 424 -16.19 -25.01 1.21
N THR A 425 -16.72 -26.23 1.10
CA THR A 425 -16.68 -26.99 -0.14
C THR A 425 -17.03 -26.13 -1.36
N GLY A 426 -16.18 -26.19 -2.37
CA GLY A 426 -16.47 -25.52 -3.63
C GLY A 426 -15.84 -24.15 -3.81
N GLN A 427 -15.51 -23.48 -2.71
CA GLN A 427 -14.93 -22.14 -2.84
C GLN A 427 -13.52 -22.19 -3.40
N ASP A 428 -13.24 -21.32 -4.37
CA ASP A 428 -11.89 -21.23 -4.92
C ASP A 428 -11.37 -19.81 -4.74
N GLN A 429 -12.09 -19.03 -3.95
CA GLN A 429 -11.62 -17.71 -3.56
C GLN A 429 -11.91 -17.53 -2.07
N TRP A 430 -11.07 -16.72 -1.40
CA TRP A 430 -11.31 -16.39 0.00
C TRP A 430 -12.47 -15.40 0.14
N LYS A 431 -13.44 -15.73 0.97
CA LYS A 431 -14.60 -14.85 1.13
C LYS A 431 -14.55 -14.14 2.47
N PRO A 432 -14.16 -12.87 2.48
CA PRO A 432 -14.04 -12.16 3.76
C PRO A 432 -15.39 -11.64 4.25
N HIS A 433 -15.69 -11.87 5.52
CA HIS A 433 -16.89 -11.34 6.12
C HIS A 433 -16.76 -9.84 6.28
N ARG A 434 -17.82 -9.19 6.76
CA ARG A 434 -17.79 -7.73 6.96
C ARG A 434 -16.61 -7.37 7.88
N ASP A 435 -16.40 -8.17 8.91
CA ASP A 435 -15.31 -7.90 9.85
C ASP A 435 -13.95 -8.48 9.37
N TYR A 436 -13.88 -8.83 8.08
CA TYR A 436 -12.63 -9.14 7.34
C TYR A 436 -12.03 -10.52 7.65
N ARG A 437 -12.70 -11.27 8.51
CA ARG A 437 -12.36 -12.66 8.77
C ARG A 437 -12.85 -13.52 7.61
N VAL A 438 -11.97 -14.33 7.05
CA VAL A 438 -12.36 -15.16 5.92
C VAL A 438 -13.28 -16.29 6.37
N GLU A 439 -14.17 -16.70 5.47
CA GLU A 439 -15.08 -17.77 5.76
C GLU A 439 -14.33 -19.09 5.72
N MET A 440 -14.62 -19.93 6.71
CA MET A 440 -14.07 -21.28 6.77
C MET A 440 -15.17 -22.25 7.17
N ASP A 441 -15.02 -23.51 6.76
CA ASP A 441 -15.90 -24.58 7.18
C ASP A 441 -15.89 -24.70 8.71
N PRO A 442 -17.07 -24.51 9.32
CA PRO A 442 -17.27 -24.52 10.77
C PRO A 442 -16.97 -25.86 11.43
N SER A 443 -17.09 -26.94 10.68
CA SER A 443 -16.83 -28.26 11.21
C SER A 443 -15.36 -28.64 11.04
N LYS A 444 -14.58 -27.77 10.38
CA LYS A 444 -13.16 -28.05 10.17
C LYS A 444 -12.29 -27.12 10.99
N VAL A 445 -12.85 -25.98 11.38
CA VAL A 445 -12.06 -24.98 12.10
C VAL A 445 -12.77 -24.48 13.37
N SER A 446 -12.01 -24.42 14.45
CA SER A 446 -12.56 -23.92 15.71
C SER A 446 -12.94 -22.44 15.62
N SER A 447 -13.96 -22.06 16.38
CA SER A 447 -14.43 -20.69 16.43
C SER A 447 -13.41 -19.74 17.07
N GLU A 448 -12.44 -20.29 17.80
CA GLU A 448 -11.41 -19.47 18.42
C GLU A 448 -10.26 -19.15 17.43
N ALA A 449 -10.27 -19.83 16.29
CA ALA A 449 -9.19 -19.70 15.32
C ALA A 449 -9.68 -19.06 14.04
N GLY A 450 -8.85 -18.27 13.38
CA GLY A 450 -9.25 -17.65 12.14
C GLY A 450 -8.20 -16.86 11.39
N ILE A 451 -8.53 -16.48 10.17
CA ILE A 451 -7.65 -15.68 9.35
C ILE A 451 -8.41 -14.46 8.81
N TRP A 452 -7.83 -13.28 9.00
CA TRP A 452 -8.39 -12.03 8.53
C TRP A 452 -7.54 -11.48 7.38
N LEU A 453 -8.18 -10.83 6.41
CA LEU A 453 -7.45 -10.17 5.32
C LEU A 453 -7.59 -8.66 5.45
N GLN A 454 -6.52 -7.93 5.13
CA GLN A 454 -6.55 -6.47 5.15
C GLN A 454 -5.90 -5.88 3.90
N GLY A 455 -6.59 -4.93 3.28
CA GLY A 455 -6.00 -4.14 2.20
C GLY A 455 -6.16 -4.75 0.82
N CYS A 456 -6.79 -5.91 0.76
CA CYS A 456 -6.97 -6.62 -0.51
C CYS A 456 -8.45 -6.91 -0.75
N ASN A 457 -9.33 -6.15 -0.11
CA ASN A 457 -10.76 -6.49 -0.09
C ASN A 457 -11.67 -5.46 -0.78
N GLU A 458 -11.10 -4.76 -1.75
CA GLU A 458 -11.87 -3.72 -2.46
C GLU A 458 -13.20 -4.25 -2.99
N ARG A 459 -13.18 -5.47 -3.53
CA ARG A 459 -14.34 -6.08 -4.17
C ARG A 459 -15.54 -6.15 -3.22
N THR A 460 -15.26 -6.35 -1.93
CA THR A 460 -16.29 -6.54 -0.92
C THR A 460 -16.50 -5.33 0.02
N HIS A 461 -15.48 -4.46 0.13
CA HIS A 461 -15.50 -3.41 1.14
C HIS A 461 -15.34 -1.99 0.61
N GLY A 462 -15.05 -1.85 -0.69
CA GLY A 462 -15.05 -0.54 -1.32
C GLY A 462 -13.69 0.06 -1.62
N LEU A 463 -13.69 1.23 -2.27
CA LEU A 463 -12.46 1.84 -2.78
C LEU A 463 -11.53 2.32 -1.67
N SER A 464 -12.05 2.46 -0.45
CA SER A 464 -11.22 2.90 0.68
C SER A 464 -10.34 1.77 1.24
N ASP A 465 -10.56 0.54 0.80
CA ASP A 465 -9.96 -0.62 1.48
C ASP A 465 -8.43 -0.66 1.42
N SER A 466 -7.85 -0.27 0.28
CA SER A 466 -6.40 -0.32 0.09
C SER A 466 -5.71 0.99 0.46
N LEU A 467 -6.49 1.99 0.86
CA LEU A 467 -5.95 3.33 1.12
C LEU A 467 -5.71 3.55 2.62
N LEU A 468 -5.34 4.76 3.00
CA LEU A 468 -5.30 5.18 4.41
C LEU A 468 -6.65 5.58 4.99
N SER A 469 -7.63 5.81 4.10
CA SER A 469 -8.91 6.47 4.43
C SER A 469 -9.66 5.96 5.67
N VAL A 470 -9.73 4.65 5.86
CA VAL A 470 -10.49 4.11 6.98
C VAL A 470 -9.63 3.28 7.96
N LEU A 471 -8.31 3.39 7.87
CA LEU A 471 -7.44 2.60 8.74
C LEU A 471 -7.72 2.82 10.22
N ALA A 472 -7.88 4.07 10.66
CA ALA A 472 -8.14 4.35 12.08
C ALA A 472 -9.35 3.56 12.61
N VAL A 473 -10.48 3.65 11.91
CA VAL A 473 -11.72 3.00 12.33
C VAL A 473 -11.64 1.48 12.16
N ARG A 474 -11.06 1.04 11.05
CA ARG A 474 -10.92 -0.38 10.77
C ARG A 474 -10.03 -1.07 11.81
N GLY A 475 -8.97 -0.40 12.21
CA GLY A 475 -8.11 -0.90 13.28
C GLY A 475 -8.93 -1.21 14.52
N GLY A 476 -9.81 -0.27 14.89
CA GLY A 476 -10.68 -0.43 16.04
C GLY A 476 -11.59 -1.62 15.88
N GLU A 477 -12.19 -1.73 14.70
CA GLU A 477 -13.10 -2.82 14.38
C GLU A 477 -12.36 -4.15 14.44
N MET A 478 -11.14 -4.16 13.93
CA MET A 478 -10.34 -5.39 13.91
C MET A 478 -9.98 -5.86 15.33
N VAL A 479 -9.60 -4.92 16.17
CA VAL A 479 -9.26 -5.23 17.56
C VAL A 479 -10.48 -5.83 18.25
N GLN A 480 -11.62 -5.22 18.00
CA GLN A 480 -12.87 -5.73 18.55
C GLN A 480 -13.17 -7.14 18.02
N SER A 481 -12.99 -7.33 16.72
CA SER A 481 -13.29 -8.62 16.07
C SER A 481 -12.37 -9.74 16.56
N ILE A 482 -11.10 -9.41 16.74
CA ILE A 482 -10.06 -10.38 17.06
C ILE A 482 -9.92 -10.61 18.58
N PHE A 483 -9.93 -9.54 19.36
CA PHE A 483 -9.66 -9.61 20.79
C PHE A 483 -10.94 -9.44 21.63
N GLY A 484 -12.09 -9.50 20.96
CA GLY A 484 -13.36 -9.16 21.57
C GLY A 484 -13.71 -9.90 22.86
N GLU A 485 -13.56 -11.22 22.85
CA GLU A 485 -13.78 -11.99 24.06
C GLU A 485 -12.85 -11.51 25.18
N GLN A 486 -11.55 -11.42 24.87
CA GLN A 486 -10.54 -11.05 25.86
C GLN A 486 -10.83 -9.69 26.49
N LEU A 487 -11.22 -8.72 25.66
CA LEU A 487 -11.50 -7.36 26.14
C LEU A 487 -12.92 -7.19 26.72
N GLU A 488 -13.62 -8.30 26.93
CA GLU A 488 -14.92 -8.26 27.59
C GLU A 488 -14.89 -9.12 28.85
PA FAD B . 1.57 -1.61 2.46
O1A FAD B . 1.74 -0.15 2.67
O2A FAD B . 2.08 -2.01 1.13
O5B FAD B . 2.32 -2.42 3.65
C5B FAD B . 2.32 -3.86 3.62
C4B FAD B . 3.61 -4.35 4.39
O4B FAD B . 3.71 -5.68 4.40
C3B FAD B . 4.82 -3.83 3.68
O3B FAD B . 5.51 -3.06 4.57
C2B FAD B . 5.63 -5.11 3.26
O2B FAD B . 7.11 -4.84 3.43
C1B FAD B . 5.22 -6.05 4.06
N9A FAD B . 5.12 -7.32 3.42
C8A FAD B . 4.69 -7.65 2.21
N7A FAD B . 4.79 -9.00 2.07
C5A FAD B . 5.29 -9.50 3.21
C6A FAD B . 5.59 -10.81 3.60
N6A FAD B . 5.39 -11.97 2.73
N1A FAD B . 6.10 -11.03 4.81
C2A FAD B . 6.31 -10.00 5.67
N3A FAD B . 6.03 -8.71 5.29
C4A FAD B . 5.51 -8.46 4.06
N1 FAD B . -3.33 5.96 0.22
C2 FAD B . -3.97 7.10 0.88
O2 FAD B . -4.99 6.94 1.52
N3 FAD B . -3.38 8.45 0.75
C4 FAD B . -2.18 8.64 -0.02
O4 FAD B . -1.67 9.76 -0.15
C4X FAD B . -1.54 7.46 -0.68
N5 FAD B . -0.34 7.64 -1.44
C5X FAD B . 0.29 6.50 -2.09
C6 FAD B . 1.46 6.71 -2.83
C7 FAD B . 2.09 5.59 -3.48
C7M FAD B . 3.34 5.99 -4.23
C8 FAD B . 1.54 4.32 -3.37
C8M FAD B . 2.20 3.08 -4.06
C9 FAD B . 0.35 4.11 -2.62
C9A FAD B . -0.29 5.20 -1.97
N10 FAD B . -1.52 5.01 -1.18
C10 FAD B . -2.13 6.14 -0.55
C1' FAD B . -2.15 3.73 -1.04
C2' FAD B . -1.42 2.72 -0.10
O2' FAD B . -1.82 1.46 -0.52
C3' FAD B . -1.82 2.94 1.37
O3' FAD B . -1.54 4.22 1.74
C4' FAD B . -1.00 2.02 2.35
O4' FAD B . 0.27 1.84 1.87
C5' FAD B . -1.68 0.68 2.52
O5' FAD B . -1.19 0.10 3.69
P FAD B . -1.01 -1.45 3.71
O1P FAD B . -2.35 -2.11 3.37
O2P FAD B . -0.44 -1.86 5.06
O3P FAD B . -0.02 -1.93 2.51
PA NAP C . -2.90 3.19 -11.27
O1A NAP C . -3.75 4.26 -10.60
O2A NAP C . -3.62 1.83 -11.25
O5B NAP C . -2.63 3.61 -12.78
C5B NAP C . -2.00 2.68 -13.64
C4B NAP C . -1.64 3.39 -14.97
O4B NAP C . -0.90 2.59 -15.71
C3B NAP C . -2.89 3.69 -15.76
O3B NAP C . -2.79 4.86 -16.41
C2B NAP C . -2.98 2.48 -16.77
O2B NAP C . -3.68 2.88 -18.05
C1B NAP C . -1.79 2.15 -17.03
N9A NAP C . -1.75 0.73 -17.19
C8A NAP C . -2.08 -0.34 -16.38
N7A NAP C . -1.86 -1.46 -17.09
C5A NAP C . -1.43 -1.10 -18.35
C6A NAP C . -1.05 -1.86 -19.45
N6A NAP C . -0.98 -3.29 -19.76
N1A NAP C . -0.64 -1.27 -20.56
C2A NAP C . -0.58 0.13 -20.64
N3A NAP C . -0.93 0.87 -19.54
C4A NAP C . -1.36 0.25 -18.42
O3 NAP C . -1.39 3.08 -10.56
PN NAP C . -0.66 4.17 -9.60
O1N NAP C . -0.42 5.50 -10.34
O2N NAP C . 0.64 3.56 -9.09
O5D NAP C . -1.62 4.44 -8.36
P2B NAP C . -5.23 3.17 -18.06
O1X NAP C . -5.75 3.17 -19.51
O2X NAP C . -5.46 4.59 -17.46
O3X NAP C . -5.92 2.07 -17.25
N ORN D . -10.01 10.92 -1.45
CA ORN D . -9.82 9.81 -0.56
CB ORN D . -8.38 9.36 -0.55
CG ORN D . -7.91 9.02 -1.95
CD ORN D . -6.41 8.77 -1.90
NE ORN D . -5.93 8.46 -3.21
C ORN D . -10.24 10.19 0.85
O ORN D . -10.55 11.38 1.12
OXT ORN D . -10.27 9.31 1.76
S SO4 E . 15.52 -8.11 -29.75
O1 SO4 E . 14.41 -7.87 -30.69
O2 SO4 E . 16.60 -7.14 -30.00
O3 SO4 E . 15.03 -7.99 -28.37
O4 SO4 E . 16.03 -9.46 -29.95
S SO4 F . -9.77 -31.75 5.03
O1 SO4 F . -9.60 -32.48 3.78
O2 SO4 F . -10.14 -30.37 4.74
O3 SO4 F . -8.53 -31.77 5.80
O4 SO4 F . -10.84 -32.37 5.83
S SO4 G . 4.40 23.15 18.91
O1 SO4 G . 3.24 23.86 18.43
O2 SO4 G . 5.58 23.76 18.29
O3 SO4 G . 4.40 21.75 18.55
O4 SO4 G . 4.49 23.23 20.37
C1 GOL H . -22.95 17.50 4.41
O1 GOL H . -22.78 17.12 5.77
C2 GOL H . -23.03 16.26 3.50
O2 GOL H . -23.16 15.07 4.25
C3 GOL H . -24.19 16.34 2.53
O3 GOL H . -25.35 15.93 3.21
#